data_5C7W
#
_entry.id   5C7W
#
_cell.length_a   52.180
_cell.length_b   52.180
_cell.length_c   274.500
_cell.angle_alpha   90.00
_cell.angle_beta   90.00
_cell.angle_gamma   120.00
#
_symmetry.space_group_name_H-M   'P 65 2 2'
#
loop_
_entity.id
_entity.type
_entity.pdbx_description
1 polymer "5'-monophosphate Z:P guanine riboswitch"
2 non-polymer 'COBALT HEXAMMINE(III)'
3 non-polymer HYPOXANTHINE
#
_entity_poly.entity_id   1
_entity_poly.type   'polyribonucleotide'
_entity_poly.pdbx_seq_one_letter_code
;GGA(50N)AUAUAAUCGCGUGGAUAUGGCACGCAAGUUUCUACCGGGCACCGUAAAUGUCCGACUAU(50L)UCC
;
_entity_poly.pdbx_strand_id   C
#